data_6LOF
#
_entry.id   6LOF
#
_cell.length_a   48.638
_cell.length_b   72.929
_cell.length_c   124.189
_cell.angle_alpha   90.000
_cell.angle_beta   90.000
_cell.angle_gamma   90.000
#
_symmetry.space_group_name_H-M   'P 21 2 21'
#
loop_
_entity.id
_entity.type
_entity.pdbx_description
1 polymer 'GFP-like fluorescent chromoprotein FP538'
2 polymer 'GFP-like fluorescent chromoprotein FP538'
3 water water
#
loop_
_entity_poly.entity_id
_entity_poly.type
_entity_poly.pdbx_seq_one_letter_code
_entity_poly.pdbx_strand_id
1 'polypeptide(L)' GSHMAHSKHGLKEEMTMKYHMEGCVNGHKFVITGEGIGYPFKGKQTINLCVIEGGPLPFSEDILSAG(NFA) C,D
2 'polypeptide(L)'
;(CH7)DRIFTEYPQDIVDYFKNSCPAGYTWGRSFLFEDGAVCICNVDITVSVKENCIYHKSIFNGVNFPADGPVMKKMTT
NWEASCEKIMPVPKQGILKGDVSMYLLLKDGGRYRCQFDTVYKAKSVPSKMPEWHFIQHKLLREDRSDAKNQKWQLTEHA
IAFPSALA
;
A,B
#
# COMPACT_ATOMS: atom_id res chain seq x y z
N LYS A 8 3.97 18.52 -25.84
CA LYS A 8 3.37 19.36 -24.78
C LYS A 8 4.26 19.29 -23.55
N HIS A 9 4.49 20.42 -22.88
CA HIS A 9 5.41 20.60 -21.72
C HIS A 9 6.82 20.10 -22.02
N GLY A 10 7.27 20.15 -23.28
CA GLY A 10 8.62 19.77 -23.70
C GLY A 10 8.77 18.29 -24.00
N LEU A 11 7.69 17.52 -23.90
CA LEU A 11 7.71 16.05 -24.04
C LEU A 11 7.17 15.66 -25.42
N LYS A 12 7.71 14.59 -26.02
CA LYS A 12 7.19 13.95 -27.25
C LYS A 12 6.80 12.52 -26.89
N GLU A 13 6.30 11.71 -27.82
CA GLU A 13 5.79 10.35 -27.53
C GLU A 13 6.96 9.38 -27.32
N GLU A 14 8.07 9.59 -28.01
CA GLU A 14 9.36 8.87 -27.83
C GLU A 14 10.36 9.88 -27.29
N MET A 15 11.14 9.49 -26.28
CA MET A 15 12.14 10.39 -25.65
C MET A 15 13.35 9.57 -25.20
N THR A 16 14.50 10.22 -25.12
CA THR A 16 15.81 9.63 -24.74
C THR A 16 16.05 10.01 -23.26
N MET A 17 16.72 9.19 -22.47
CA MET A 17 16.98 9.48 -21.04
C MET A 17 18.46 9.28 -20.71
N LYS A 18 18.92 9.93 -19.64
CA LYS A 18 20.32 9.93 -19.17
C LYS A 18 20.34 9.97 -17.65
N TYR A 19 21.16 9.08 -17.07
CA TYR A 19 21.24 8.80 -15.62
C TYR A 19 22.69 8.92 -15.18
N HIS A 20 22.89 9.59 -14.05
CA HIS A 20 24.17 9.76 -13.32
C HIS A 20 23.90 9.56 -11.82
N MET A 21 24.26 8.38 -11.29
CA MET A 21 24.10 8.10 -9.85
C MET A 21 25.49 8.10 -9.19
N GLU A 22 25.60 8.91 -8.13
CA GLU A 22 26.69 8.94 -7.13
C GLU A 22 26.14 8.23 -5.90
N GLY A 23 26.79 7.20 -5.38
CA GLY A 23 26.25 6.53 -4.19
C GLY A 23 27.32 6.06 -3.21
N CYS A 24 26.86 5.61 -2.04
CA CYS A 24 27.65 4.86 -1.03
C CYS A 24 26.74 3.91 -0.26
N VAL A 25 26.87 2.59 -0.49
CA VAL A 25 26.10 1.53 0.22
C VAL A 25 27.06 0.78 1.16
N ASN A 26 26.76 0.77 2.46
CA ASN A 26 27.52 -0.03 3.45
C ASN A 26 28.99 0.34 3.32
N GLY A 27 29.29 1.62 3.08
CA GLY A 27 30.67 2.14 3.05
C GLY A 27 31.33 2.01 1.69
N HIS A 28 30.80 1.17 0.81
CA HIS A 28 31.27 1.05 -0.59
C HIS A 28 30.76 2.24 -1.41
N LYS A 29 31.68 3.09 -1.91
CA LYS A 29 31.42 4.25 -2.80
C LYS A 29 31.41 3.75 -4.24
N PHE A 30 30.47 4.22 -5.07
CA PHE A 30 30.32 3.75 -6.46
C PHE A 30 29.81 4.90 -7.33
N VAL A 31 29.86 4.71 -8.65
CA VAL A 31 29.29 5.64 -9.66
C VAL A 31 28.75 4.82 -10.82
N ILE A 32 27.57 5.22 -11.30
CA ILE A 32 26.78 4.54 -12.36
C ILE A 32 26.21 5.59 -13.31
N THR A 33 26.28 5.31 -14.60
CA THR A 33 25.64 6.10 -15.67
C THR A 33 24.83 5.14 -16.52
N GLY A 34 23.88 5.69 -17.26
CA GLY A 34 22.94 4.92 -18.08
C GLY A 34 22.23 5.84 -19.03
N GLU A 35 21.73 5.25 -20.10
CA GLU A 35 20.95 5.91 -21.17
C GLU A 35 19.66 5.11 -21.26
N GLY A 36 18.59 5.69 -21.80
CA GLY A 36 17.33 4.97 -21.94
C GLY A 36 16.46 5.56 -23.00
N ILE A 37 15.36 4.90 -23.26
CA ILE A 37 14.29 5.28 -24.22
C ILE A 37 12.97 5.07 -23.49
N GLY A 38 12.03 5.99 -23.61
CA GLY A 38 10.76 5.86 -22.90
C GLY A 38 9.65 6.62 -23.57
N TYR A 39 8.41 6.19 -23.30
CA TYR A 39 7.18 6.73 -23.90
C TYR A 39 6.36 7.37 -22.79
N PRO A 40 6.54 8.67 -22.50
CA PRO A 40 5.95 9.28 -21.30
C PRO A 40 4.43 9.10 -21.21
N PHE A 41 3.76 8.95 -22.35
CA PHE A 41 2.28 8.82 -22.45
C PHE A 41 1.87 7.34 -22.41
N LYS A 42 2.78 6.39 -22.62
CA LYS A 42 2.46 4.94 -22.52
C LYS A 42 2.91 4.41 -21.15
N GLY A 43 3.54 5.26 -20.33
CA GLY A 43 4.05 4.90 -19.00
C GLY A 43 5.07 3.78 -19.07
N LYS A 44 5.87 3.73 -20.14
CA LYS A 44 6.90 2.69 -20.38
C LYS A 44 8.27 3.36 -20.51
N GLN A 45 9.30 2.74 -19.96
CA GLN A 45 10.69 3.21 -20.12
C GLN A 45 11.62 2.00 -20.02
N THR A 46 12.73 2.02 -20.75
CA THR A 46 13.75 0.93 -20.74
C THR A 46 15.13 1.56 -20.69
N ILE A 47 15.90 1.26 -19.64
CA ILE A 47 17.24 1.89 -19.40
C ILE A 47 18.30 0.80 -19.20
N ASN A 48 19.49 1.06 -19.76
CA ASN A 48 20.71 0.24 -19.65
C ASN A 48 21.68 1.03 -18.78
N LEU A 49 22.20 0.42 -17.71
CA LEU A 49 23.08 1.10 -16.74
C LEU A 49 24.45 0.42 -16.75
N CYS A 50 25.50 1.20 -16.52
CA CYS A 50 26.90 0.71 -16.46
C CYS A 50 27.65 1.41 -15.31
N VAL A 51 28.21 0.59 -14.41
CA VAL A 51 29.03 1.02 -13.23
C VAL A 51 30.37 1.55 -13.76
N ILE A 52 30.70 2.82 -13.49
CA ILE A 52 31.95 3.44 -14.00
C ILE A 52 32.98 3.58 -12.86
N GLU A 53 32.56 3.30 -11.62
CA GLU A 53 33.44 3.28 -10.41
C GLU A 53 32.89 2.27 -9.41
N GLY A 54 33.77 1.50 -8.75
CA GLY A 54 33.41 0.55 -7.67
C GLY A 54 32.88 -0.77 -8.18
N GLY A 55 32.96 -1.02 -9.49
CA GLY A 55 32.69 -2.34 -10.09
C GLY A 55 33.70 -3.38 -9.61
N PRO A 56 33.27 -4.65 -9.35
CA PRO A 56 31.86 -5.03 -9.30
C PRO A 56 31.25 -4.69 -7.92
N LEU A 57 29.94 -4.40 -7.91
CA LEU A 57 29.19 -3.98 -6.71
C LEU A 57 29.16 -5.13 -5.70
N PRO A 58 29.31 -4.84 -4.40
CA PRO A 58 29.23 -5.86 -3.36
C PRO A 58 27.80 -6.21 -2.93
N PHE A 59 26.80 -5.56 -3.54
CA PHE A 59 25.36 -5.74 -3.23
C PHE A 59 24.56 -5.95 -4.52
N SER A 60 23.35 -6.47 -4.33
CA SER A 60 22.34 -6.72 -5.39
C SER A 60 22.06 -5.42 -6.14
N GLU A 61 21.88 -5.51 -7.47
CA GLU A 61 21.52 -4.36 -8.34
C GLU A 61 20.10 -3.84 -8.00
N ASP A 62 19.26 -4.65 -7.35
CA ASP A 62 17.80 -4.37 -7.22
C ASP A 62 17.56 -3.12 -6.39
N ILE A 63 18.32 -2.92 -5.30
CA ILE A 63 18.08 -1.82 -4.33
C ILE A 63 18.21 -0.46 -5.02
N LEU A 64 18.88 -0.39 -6.17
CA LEU A 64 19.13 0.87 -6.92
C LEU A 64 18.00 1.19 -7.93
N SER A 65 17.30 0.17 -8.41
CA SER A 65 16.28 0.26 -9.49
C SER A 65 15.39 1.51 -9.41
N ALA A 66 14.73 1.75 -8.28
CA ALA A 66 13.83 2.91 -8.05
C ALA A 66 14.65 4.20 -7.89
N GLY A 67 15.97 4.08 -7.73
CA GLY A 67 16.89 5.23 -7.62
C GLY A 67 17.15 5.89 -8.96
N NFA A 68 16.95 5.38 -10.13
CA NFA A 68 17.38 6.18 -11.27
C NFA A 68 16.30 7.14 -11.74
O NFA A 68 15.48 6.85 -12.61
CB NFA A 68 17.81 5.21 -12.37
CG NFA A 68 19.05 4.45 -11.95
CD1 NFA A 68 18.95 3.08 -11.69
CD2 NFA A 68 20.27 5.12 -11.86
CE1 NFA A 68 20.08 2.38 -11.32
CE2 NFA A 68 21.42 4.41 -11.49
CZ NFA A 68 21.32 3.06 -11.22
NXT NFA A 68 16.24 8.34 -11.16
NZ CH7 B 1 13.45 4.60 -12.54
CA1 CH7 B 1 12.46 4.00 -12.07
CB CH7 B 1 11.95 2.78 -12.76
CG CH7 B 1 13.01 2.12 -13.63
CD CH7 B 1 13.83 3.14 -14.43
CE CH7 B 1 14.46 4.14 -13.47
C1 CH7 B 1 11.71 4.44 -10.87
N2 CH7 B 1 10.76 3.66 -10.28
OH CH7 B 1 7.13 -1.29 -8.03
CD2 CH7 B 1 7.82 2.24 -7.27
CE2 CH7 B 1 7.29 0.97 -7.19
CZ CH7 B 1 7.67 -0.02 -8.11
CE1 CH7 B 1 8.59 0.30 -9.10
CD1 CH7 B 1 9.12 1.57 -9.18
CG2 CH7 B 1 8.74 2.55 -8.26
CB2 CH7 B 1 9.25 3.94 -8.28
CA2 CH7 B 1 10.28 4.39 -9.26
C2 CH7 B 1 11.01 5.66 -9.28
O2 CH7 B 1 10.86 6.62 -8.45
N3 CH7 B 1 11.86 5.66 -10.29
CA3 CH7 B 1 12.79 6.74 -10.61
C3 CH7 B 1 12.25 8.13 -10.91
O3 CH7 B 1 13.09 9.08 -10.83
N ASP B 2 11.47 8.09 -11.97
CA ASP B 2 10.96 9.23 -12.81
C ASP B 2 9.45 9.03 -13.08
N ARG B 3 8.62 9.80 -12.39
CA ARG B 3 7.14 9.64 -12.41
C ARG B 3 6.52 10.36 -13.62
N ILE B 4 7.33 10.78 -14.59
CA ILE B 4 6.88 11.29 -15.91
C ILE B 4 6.51 10.09 -16.79
N PHE B 5 7.13 8.93 -16.53
CA PHE B 5 6.87 7.67 -17.31
C PHE B 5 5.77 6.88 -16.61
N THR B 6 4.62 7.55 -16.52
CA THR B 6 3.36 7.12 -15.91
C THR B 6 2.24 7.54 -16.86
N GLU B 7 1.47 6.58 -17.40
CA GLU B 7 0.27 6.90 -18.21
C GLU B 7 -0.76 7.52 -17.26
N TYR B 8 -1.15 8.75 -17.51
CA TYR B 8 -2.21 9.47 -16.76
C TYR B 8 -3.46 9.52 -17.63
N PRO B 9 -4.63 9.19 -17.07
CA PRO B 9 -5.91 9.40 -17.75
C PRO B 9 -6.20 10.90 -17.75
N GLN B 10 -7.09 11.37 -18.61
CA GLN B 10 -7.36 12.82 -18.78
C GLN B 10 -7.88 13.43 -17.47
N ASP B 11 -8.63 12.68 -16.65
CA ASP B 11 -9.42 13.24 -15.51
C ASP B 11 -8.59 13.30 -14.22
N ILE B 12 -7.37 12.73 -14.18
CA ILE B 12 -6.39 12.91 -13.05
C ILE B 12 -5.30 13.92 -13.46
N VAL B 13 -5.08 14.97 -12.67
CA VAL B 13 -4.05 16.02 -12.94
C VAL B 13 -2.66 15.40 -12.87
N ASP B 14 -1.88 15.50 -13.98
CA ASP B 14 -0.51 14.93 -14.13
C ASP B 14 0.52 15.95 -13.64
N TYR B 15 0.89 15.88 -12.37
CA TYR B 15 1.78 16.85 -11.68
C TYR B 15 3.16 16.83 -12.35
N PHE B 16 3.63 15.64 -12.73
CA PHE B 16 5.02 15.40 -13.19
C PHE B 16 5.17 15.98 -14.60
N LYS B 17 4.28 15.60 -15.52
CA LYS B 17 4.36 16.09 -16.91
C LYS B 17 4.15 17.61 -16.89
N ASN B 18 3.25 18.10 -16.04
CA ASN B 18 2.96 19.54 -15.85
C ASN B 18 4.20 20.29 -15.35
N SER B 19 5.10 19.64 -14.62
CA SER B 19 6.27 20.32 -14.01
C SER B 19 7.29 20.67 -15.08
N CYS B 20 7.23 19.97 -16.22
CA CYS B 20 8.21 19.99 -17.33
C CYS B 20 8.06 21.25 -18.19
N PRO B 21 9.10 21.66 -18.97
CA PRO B 21 10.39 20.96 -19.00
C PRO B 21 11.37 21.27 -17.84
N ALA B 22 11.14 22.33 -17.08
CA ALA B 22 12.04 22.71 -15.96
C ALA B 22 12.30 21.48 -15.08
N GLY B 23 11.28 20.65 -14.83
CA GLY B 23 11.41 19.36 -14.14
C GLY B 23 11.03 19.44 -12.66
N TYR B 24 11.51 18.48 -11.86
CA TYR B 24 11.17 18.35 -10.43
C TYR B 24 12.27 17.56 -9.70
N THR B 25 12.20 17.58 -8.37
CA THR B 25 13.13 16.91 -7.43
C THR B 25 12.30 16.04 -6.48
N TRP B 26 12.85 14.90 -6.07
CA TRP B 26 12.24 14.05 -5.03
C TRP B 26 13.33 13.50 -4.10
N GLY B 27 12.92 13.22 -2.87
CA GLY B 27 13.65 12.46 -1.84
C GLY B 27 12.83 11.27 -1.37
N ARG B 28 13.46 10.13 -1.17
CA ARG B 28 12.79 8.86 -0.81
C ARG B 28 13.58 8.18 0.30
N SER B 29 12.88 7.77 1.35
CA SER B 29 13.43 6.85 2.36
C SER B 29 13.02 5.42 2.02
N PHE B 30 13.96 4.48 2.16
CA PHE B 30 13.75 3.01 2.06
C PHE B 30 13.98 2.41 3.45
N LEU B 31 12.99 1.71 4.01
CA LEU B 31 13.12 0.99 5.30
C LEU B 31 12.89 -0.50 5.02
N PHE B 32 13.94 -1.31 5.12
CA PHE B 32 13.91 -2.77 4.84
C PHE B 32 13.55 -3.48 6.15
N GLU B 33 12.89 -4.64 6.05
CA GLU B 33 12.34 -5.37 7.23
C GLU B 33 13.50 -5.70 8.20
N ASP B 34 14.73 -5.85 7.69
CA ASP B 34 15.91 -6.28 8.48
C ASP B 34 16.79 -5.07 8.84
N GLY B 35 16.23 -3.86 8.81
CA GLY B 35 16.80 -2.69 9.52
C GLY B 35 17.69 -1.81 8.66
N ALA B 36 18.10 -2.24 7.46
CA ALA B 36 18.83 -1.38 6.49
C ALA B 36 17.97 -0.16 6.17
N VAL B 37 18.61 0.97 5.92
CA VAL B 37 17.96 2.26 5.56
C VAL B 37 18.76 2.89 4.43
N CYS B 38 18.07 3.15 3.31
CA CYS B 38 18.58 3.90 2.14
C CYS B 38 17.79 5.21 2.01
N ILE B 39 18.46 6.23 1.49
CA ILE B 39 17.88 7.53 1.09
C ILE B 39 18.34 7.76 -0.34
N CYS B 40 17.49 8.40 -1.14
CA CYS B 40 17.83 8.79 -2.53
C CYS B 40 17.30 10.19 -2.78
N ASN B 41 18.08 11.03 -3.46
CA ASN B 41 17.65 12.36 -3.91
C ASN B 41 17.85 12.38 -5.42
N VAL B 42 16.91 12.95 -6.18
CA VAL B 42 17.02 13.00 -7.66
C VAL B 42 16.60 14.38 -8.16
N ASP B 43 17.24 14.82 -9.22
CA ASP B 43 16.97 16.09 -9.93
C ASP B 43 16.66 15.74 -11.40
N ILE B 44 15.41 15.84 -11.82
CA ILE B 44 15.03 15.52 -13.23
C ILE B 44 14.81 16.83 -13.98
N THR B 45 15.49 17.04 -15.10
CA THR B 45 15.39 18.25 -15.97
C THR B 45 15.23 17.81 -17.43
N VAL B 46 14.39 18.50 -18.20
CA VAL B 46 14.14 18.18 -19.63
C VAL B 46 14.91 19.17 -20.51
N SER B 47 15.97 18.73 -21.18
CA SER B 47 16.57 19.48 -22.31
C SER B 47 15.67 19.23 -23.53
N VAL B 48 14.92 20.25 -23.96
CA VAL B 48 13.96 20.15 -25.10
C VAL B 48 14.75 20.22 -26.41
N LYS B 49 15.92 20.88 -26.39
CA LYS B 49 16.89 20.88 -27.52
C LYS B 49 17.15 19.43 -27.95
N GLU B 50 17.53 18.58 -26.99
CA GLU B 50 18.00 17.19 -27.23
C GLU B 50 16.82 16.21 -27.27
N ASN B 51 15.63 16.62 -26.81
CA ASN B 51 14.45 15.74 -26.61
C ASN B 51 14.83 14.63 -25.64
N CYS B 52 15.49 14.98 -24.54
CA CYS B 52 16.14 14.03 -23.61
C CYS B 52 15.86 14.47 -22.19
N ILE B 53 15.75 13.48 -21.30
CA ILE B 53 15.45 13.65 -19.86
C ILE B 53 16.70 13.29 -19.03
N TYR B 54 17.18 14.25 -18.26
CA TYR B 54 18.41 14.13 -17.46
C TYR B 54 18.01 13.77 -16.04
N HIS B 55 18.69 12.77 -15.48
CA HIS B 55 18.57 12.34 -14.08
C HIS B 55 19.93 12.46 -13.39
N LYS B 56 19.95 13.14 -12.24
CA LYS B 56 21.11 13.29 -11.35
C LYS B 56 20.66 12.82 -9.96
N SER B 57 21.20 11.68 -9.52
CA SER B 57 20.76 10.95 -8.31
C SER B 57 21.93 10.83 -7.32
N ILE B 58 21.66 11.07 -6.04
CA ILE B 58 22.54 10.68 -4.90
C ILE B 58 21.87 9.52 -4.18
N PHE B 59 22.59 8.45 -3.85
CA PHE B 59 21.96 7.25 -3.23
C PHE B 59 22.85 6.74 -2.09
N ASN B 60 22.31 6.71 -0.87
CA ASN B 60 23.06 6.31 0.34
C ASN B 60 22.25 5.27 1.11
N GLY B 61 22.95 4.30 1.70
CA GLY B 61 22.31 3.22 2.46
C GLY B 61 23.31 2.58 3.42
N VAL B 62 22.81 2.03 4.52
CA VAL B 62 23.65 1.55 5.64
C VAL B 62 22.96 0.35 6.28
N ASN B 63 23.75 -0.42 7.04
CA ASN B 63 23.28 -1.40 8.05
C ASN B 63 22.51 -2.51 7.32
N PHE B 64 22.90 -2.79 6.07
CA PHE B 64 22.53 -4.05 5.40
C PHE B 64 23.33 -5.16 6.07
N PRO B 65 22.70 -6.18 6.70
CA PRO B 65 23.45 -7.28 7.30
C PRO B 65 24.38 -7.92 6.27
N ALA B 66 25.61 -8.22 6.69
CA ALA B 66 26.70 -8.80 5.87
C ALA B 66 26.22 -10.04 5.11
N ASP B 67 25.40 -10.90 5.75
CA ASP B 67 24.89 -12.17 5.17
C ASP B 67 23.40 -12.02 4.83
N GLY B 68 22.93 -10.79 4.66
CA GLY B 68 21.56 -10.49 4.22
C GLY B 68 21.39 -10.76 2.73
N PRO B 69 20.15 -10.87 2.23
CA PRO B 69 19.91 -11.12 0.81
C PRO B 69 20.44 -10.04 -0.15
N VAL B 70 20.67 -8.83 0.35
CA VAL B 70 21.15 -7.70 -0.49
C VAL B 70 22.65 -7.89 -0.70
N MET B 71 23.40 -8.01 0.40
CA MET B 71 24.88 -8.12 0.35
C MET B 71 25.26 -9.46 -0.29
N LYS B 72 24.44 -10.49 -0.10
CA LYS B 72 24.67 -11.83 -0.68
C LYS B 72 24.04 -11.97 -2.07
N LYS B 73 23.31 -10.94 -2.55
CA LYS B 73 22.69 -10.84 -3.90
C LYS B 73 21.68 -11.99 -4.10
N MET B 74 20.67 -12.07 -3.24
CA MET B 74 19.65 -13.16 -3.21
C MET B 74 18.35 -12.69 -3.88
N THR B 75 18.36 -11.50 -4.50
CA THR B 75 17.12 -10.82 -4.99
C THR B 75 17.03 -10.98 -6.51
N THR B 76 15.82 -11.26 -7.00
CA THR B 76 15.50 -11.42 -8.44
C THR B 76 14.89 -10.13 -8.99
N ASN B 77 13.78 -9.69 -8.40
CA ASN B 77 12.97 -8.54 -8.86
C ASN B 77 12.09 -8.00 -7.72
N TRP B 78 11.76 -6.71 -7.83
CA TRP B 78 10.66 -6.07 -7.08
C TRP B 78 9.36 -6.69 -7.55
N GLU B 79 8.49 -7.07 -6.62
CA GLU B 79 7.11 -7.50 -6.93
C GLU B 79 6.33 -6.27 -7.39
N ALA B 80 5.44 -6.44 -8.37
CA ALA B 80 4.52 -5.39 -8.88
C ALA B 80 3.76 -4.75 -7.71
N SER B 81 3.55 -3.45 -7.78
CA SER B 81 3.14 -2.63 -6.63
C SER B 81 1.99 -1.70 -7.04
N CYS B 82 1.41 -1.07 -6.01
CA CYS B 82 0.36 -0.03 -6.07
C CYS B 82 0.71 1.10 -5.09
N GLU B 83 1.23 2.21 -5.60
CA GLU B 83 1.68 3.39 -4.81
C GLU B 83 0.50 4.34 -4.62
N LYS B 84 0.44 4.97 -3.44
CA LYS B 84 -0.59 5.99 -3.11
C LYS B 84 0.08 7.37 -3.18
N ILE B 85 -0.37 8.19 -4.13
CA ILE B 85 0.10 9.58 -4.34
C ILE B 85 -0.95 10.49 -3.75
N MET B 86 -0.60 11.20 -2.69
CA MET B 86 -1.47 12.17 -1.99
C MET B 86 -0.91 13.57 -2.22
N PRO B 87 -1.78 14.59 -2.39
CA PRO B 87 -1.31 15.98 -2.43
C PRO B 87 -0.97 16.45 -1.02
N VAL B 88 -0.20 17.53 -0.90
CA VAL B 88 0.07 18.27 0.37
C VAL B 88 -0.41 19.68 0.15
N PRO B 89 -1.62 20.01 0.64
CA PRO B 89 -2.44 21.09 0.10
C PRO B 89 -1.72 22.45 0.06
N LYS B 90 -1.08 22.88 1.14
CA LYS B 90 -0.54 24.26 1.24
C LYS B 90 0.88 24.36 0.66
N GLN B 91 1.64 23.26 0.62
CA GLN B 91 3.07 23.24 0.18
C GLN B 91 3.20 22.97 -1.33
N GLY B 92 2.11 22.69 -2.03
CA GLY B 92 2.16 22.42 -3.49
C GLY B 92 3.11 21.27 -3.84
N ILE B 93 3.17 20.23 -3.01
CA ILE B 93 3.99 19.02 -3.30
C ILE B 93 3.13 17.76 -3.13
N LEU B 94 3.65 16.65 -3.63
CA LEU B 94 3.02 15.30 -3.51
C LEU B 94 3.84 14.45 -2.53
N LYS B 95 3.25 13.37 -2.06
CA LYS B 95 3.86 12.43 -1.10
C LYS B 95 3.54 11.03 -1.60
N GLY B 96 4.56 10.27 -1.97
CA GLY B 96 4.46 8.85 -2.28
C GLY B 96 4.47 8.02 -1.01
N ASP B 97 3.60 7.02 -0.94
CA ASP B 97 3.63 5.95 0.09
C ASP B 97 3.41 4.62 -0.63
N VAL B 98 4.39 3.74 -0.64
CA VAL B 98 4.22 2.36 -1.18
C VAL B 98 5.02 1.37 -0.34
N SER B 99 4.42 0.21 -0.04
CA SER B 99 5.03 -1.02 0.52
C SER B 99 5.53 -1.91 -0.61
N MET B 100 6.83 -2.23 -0.61
CA MET B 100 7.49 -2.93 -1.75
C MET B 100 8.03 -4.28 -1.27
N TYR B 101 8.01 -5.27 -2.16
CA TYR B 101 8.53 -6.63 -1.88
C TYR B 101 9.54 -6.99 -2.95
N LEU B 102 10.69 -7.45 -2.49
CA LEU B 102 11.82 -7.93 -3.30
C LEU B 102 11.75 -9.45 -3.25
N LEU B 103 11.61 -10.11 -4.39
CA LEU B 103 11.42 -11.58 -4.39
C LEU B 103 12.81 -12.23 -4.25
N LEU B 104 12.94 -13.11 -3.25
CA LEU B 104 14.17 -13.86 -2.97
C LEU B 104 14.19 -15.06 -3.89
N LYS B 105 15.39 -15.47 -4.31
CA LYS B 105 15.60 -16.59 -5.27
C LYS B 105 15.11 -17.91 -4.66
N ASP B 106 14.87 -17.94 -3.35
CA ASP B 106 14.30 -19.12 -2.65
C ASP B 106 12.79 -19.18 -2.90
N GLY B 107 12.17 -18.11 -3.40
CA GLY B 107 10.70 -18.04 -3.62
C GLY B 107 10.00 -17.19 -2.57
N GLY B 108 10.74 -16.65 -1.59
CA GLY B 108 10.22 -15.80 -0.51
C GLY B 108 10.23 -14.31 -0.87
N ARG B 109 10.06 -13.46 0.15
CA ARG B 109 9.91 -11.99 0.05
C ARG B 109 10.84 -11.27 1.01
N TYR B 110 11.10 -9.98 0.73
CA TYR B 110 11.89 -9.02 1.54
C TYR B 110 11.25 -7.65 1.36
N ARG B 111 10.75 -7.08 2.46
CA ARG B 111 9.88 -5.88 2.49
C ARG B 111 10.76 -4.65 2.67
N CYS B 112 10.35 -3.54 2.02
CA CYS B 112 10.89 -2.17 2.15
C CYS B 112 9.72 -1.18 2.13
N GLN B 113 9.73 -0.16 2.99
CA GLN B 113 8.74 0.96 2.95
C GLN B 113 9.37 2.15 2.21
N PHE B 114 8.80 2.54 1.07
CA PHE B 114 9.12 3.79 0.34
C PHE B 114 8.24 4.91 0.90
N ASP B 115 8.86 6.02 1.27
CA ASP B 115 8.18 7.30 1.57
C ASP B 115 8.92 8.37 0.74
N THR B 116 8.23 8.85 -0.28
CA THR B 116 8.75 9.79 -1.29
C THR B 116 8.05 11.13 -1.10
N VAL B 117 8.76 12.22 -1.39
CA VAL B 117 8.23 13.60 -1.47
C VAL B 117 8.59 14.11 -2.87
N TYR B 118 7.56 14.32 -3.69
CA TYR B 118 7.66 14.79 -5.09
C TYR B 118 7.39 16.28 -5.09
N LYS B 119 8.31 17.08 -5.62
CA LYS B 119 8.31 18.55 -5.40
C LYS B 119 8.80 19.23 -6.67
N ALA B 120 7.87 19.83 -7.43
CA ALA B 120 8.12 20.44 -8.75
C ALA B 120 8.91 21.72 -8.57
N LYS B 121 9.76 22.06 -9.55
CA LYS B 121 10.60 23.28 -9.51
C LYS B 121 9.72 24.52 -9.71
N SER B 122 8.66 24.43 -10.52
CA SER B 122 7.66 25.49 -10.74
C SER B 122 6.52 25.38 -9.69
N VAL B 123 5.99 26.52 -9.24
CA VAL B 123 4.78 26.57 -8.36
C VAL B 123 3.60 26.12 -9.23
N PRO B 124 2.98 24.94 -8.97
CA PRO B 124 1.97 24.38 -9.87
C PRO B 124 0.59 25.04 -9.75
N SER B 125 -0.04 25.30 -10.90
CA SER B 125 -1.44 25.80 -11.05
C SER B 125 -2.42 24.79 -10.45
N LYS B 126 -2.48 23.59 -11.04
CA LYS B 126 -3.41 22.50 -10.67
C LYS B 126 -2.70 21.50 -9.75
N MET B 127 -3.35 21.14 -8.65
CA MET B 127 -2.90 20.03 -7.77
C MET B 127 -3.83 18.84 -7.99
N PRO B 128 -3.27 17.63 -8.21
CA PRO B 128 -4.10 16.43 -8.31
C PRO B 128 -4.80 16.08 -6.99
N GLU B 129 -5.88 15.31 -7.09
CA GLU B 129 -6.50 14.63 -5.92
C GLU B 129 -5.71 13.34 -5.73
N TRP B 130 -5.68 12.82 -4.50
CA TRP B 130 -5.03 11.52 -4.23
C TRP B 130 -5.54 10.52 -5.28
N HIS B 131 -4.64 9.74 -5.86
CA HIS B 131 -4.93 8.62 -6.79
C HIS B 131 -3.89 7.52 -6.54
N PHE B 132 -3.89 6.48 -7.37
CA PHE B 132 -2.92 5.36 -7.27
C PHE B 132 -2.02 5.37 -8.50
N ILE B 133 -0.82 4.82 -8.38
CA ILE B 133 0.04 4.46 -9.53
C ILE B 133 0.38 2.97 -9.36
N GLN B 134 0.25 2.20 -10.43
CA GLN B 134 0.63 0.77 -10.43
C GLN B 134 1.91 0.66 -11.24
N HIS B 135 2.94 0.03 -10.68
CA HIS B 135 4.23 -0.13 -11.37
C HIS B 135 4.52 -1.63 -11.54
N LYS B 136 5.18 -1.96 -12.65
CA LYS B 136 5.88 -3.23 -12.90
C LYS B 136 7.28 -2.89 -13.42
N LEU B 137 8.29 -3.30 -12.67
CA LEU B 137 9.72 -2.98 -12.91
C LEU B 137 10.48 -4.32 -12.97
N LEU B 138 11.09 -4.62 -14.11
CA LEU B 138 11.88 -5.84 -14.29
C LEU B 138 13.33 -5.45 -14.51
N ARG B 139 14.24 -6.35 -14.14
CA ARG B 139 15.70 -6.16 -14.29
C ARG B 139 16.29 -7.39 -15.00
N GLU B 140 17.25 -7.16 -15.90
CA GLU B 140 18.08 -8.22 -16.49
C GLU B 140 19.54 -7.79 -16.43
N ASP B 141 20.36 -8.56 -15.71
CA ASP B 141 21.83 -8.37 -15.67
C ASP B 141 22.42 -8.84 -17.00
N ARG B 142 23.29 -8.00 -17.58
CA ARG B 142 24.00 -8.23 -18.86
C ARG B 142 25.47 -7.91 -18.63
N SER B 143 26.01 -8.39 -17.51
CA SER B 143 27.42 -8.16 -17.09
C SER B 143 28.34 -9.01 -17.97
N ASP B 144 29.47 -8.44 -18.38
CA ASP B 144 30.53 -9.11 -19.18
C ASP B 144 31.79 -9.20 -18.29
N ALA B 145 32.92 -9.57 -18.89
CA ALA B 145 34.23 -9.68 -18.21
C ALA B 145 34.69 -8.29 -17.73
N LYS B 146 34.55 -7.27 -18.60
CA LYS B 146 35.06 -5.90 -18.35
C LYS B 146 34.16 -5.09 -17.41
N ASN B 147 32.95 -4.74 -17.84
CA ASN B 147 32.06 -3.85 -17.03
C ASN B 147 30.92 -4.66 -16.40
N GLN B 148 30.36 -4.13 -15.30
CA GLN B 148 29.05 -4.55 -14.73
C GLN B 148 27.95 -3.64 -15.31
N LYS B 149 26.97 -4.28 -15.96
CA LYS B 149 25.87 -3.62 -16.69
C LYS B 149 24.58 -4.40 -16.43
N TRP B 150 23.43 -3.73 -16.51
CA TRP B 150 22.11 -4.42 -16.51
C TRP B 150 21.05 -3.52 -17.14
N GLN B 151 19.96 -4.14 -17.61
CA GLN B 151 18.80 -3.42 -18.18
C GLN B 151 17.66 -3.38 -17.15
N LEU B 152 16.91 -2.29 -17.12
CA LEU B 152 15.62 -2.17 -16.39
C LEU B 152 14.50 -1.95 -17.42
N THR B 153 13.29 -2.44 -17.15
CA THR B 153 12.09 -1.95 -17.86
C THR B 153 10.99 -1.67 -16.83
N GLU B 154 10.25 -0.60 -17.05
CA GLU B 154 9.14 -0.17 -16.17
C GLU B 154 7.86 -0.09 -16.99
N HIS B 155 6.73 -0.07 -16.29
CA HIS B 155 5.39 0.26 -16.84
C HIS B 155 4.60 0.81 -15.65
N ALA B 156 4.14 2.06 -15.72
CA ALA B 156 3.39 2.67 -14.60
C ALA B 156 2.10 3.30 -15.13
N ILE B 157 1.01 3.12 -14.42
CA ILE B 157 -0.32 3.66 -14.81
C ILE B 157 -0.97 4.26 -13.56
N ALA B 158 -1.47 5.49 -13.68
CA ALA B 158 -2.19 6.21 -12.62
C ALA B 158 -3.67 5.84 -12.73
N PHE B 159 -4.31 5.66 -11.58
CA PHE B 159 -5.72 5.23 -11.45
C PHE B 159 -6.34 5.97 -10.27
N PRO B 160 -7.66 6.19 -10.32
CA PRO B 160 -8.42 6.58 -9.14
C PRO B 160 -8.82 5.29 -8.42
N SER B 161 -9.43 5.39 -7.23
CA SER B 161 -10.05 4.25 -6.53
C SER B 161 -10.98 3.54 -7.51
N ALA B 162 -11.11 2.22 -7.44
CA ALA B 162 -11.97 1.44 -8.34
C ALA B 162 -13.44 1.47 -7.87
N LEU B 163 -13.78 2.10 -6.74
CA LEU B 163 -15.13 1.90 -6.16
C LEU B 163 -16.00 3.14 -6.39
N SER C 7 -19.23 -27.12 -3.41
CA SER C 7 -20.50 -26.80 -2.67
C SER C 7 -20.62 -25.27 -2.53
N LYS C 8 -21.53 -24.78 -1.70
CA LYS C 8 -21.78 -23.32 -1.55
C LYS C 8 -21.17 -22.79 -0.25
N HIS C 9 -20.40 -23.62 0.47
CA HIS C 9 -19.69 -23.23 1.71
C HIS C 9 -20.65 -22.53 2.68
N GLY C 10 -21.93 -22.92 2.67
CA GLY C 10 -22.96 -22.36 3.55
C GLY C 10 -23.24 -20.90 3.28
N LEU C 11 -23.00 -20.45 2.06
CA LEU C 11 -23.11 -19.02 1.68
C LEU C 11 -24.25 -18.81 0.69
N LYS C 12 -24.87 -17.64 0.79
CA LYS C 12 -25.99 -17.16 -0.03
C LYS C 12 -25.58 -15.82 -0.67
N GLU C 13 -26.37 -15.34 -1.63
CA GLU C 13 -26.17 -14.02 -2.30
C GLU C 13 -26.48 -12.91 -1.29
N GLU C 14 -27.54 -13.11 -0.50
CA GLU C 14 -27.96 -12.18 0.58
C GLU C 14 -27.84 -12.93 1.90
N MET C 15 -27.19 -12.35 2.89
CA MET C 15 -26.96 -13.03 4.19
C MET C 15 -27.09 -12.02 5.33
N THR C 16 -27.06 -12.52 6.55
CA THR C 16 -27.23 -11.73 7.80
C THR C 16 -25.93 -11.86 8.61
N MET C 17 -25.66 -10.90 9.48
CA MET C 17 -24.38 -10.81 10.23
C MET C 17 -24.67 -10.28 11.63
N LYS C 18 -24.02 -10.88 12.62
CA LYS C 18 -24.11 -10.44 14.03
C LYS C 18 -22.69 -10.22 14.55
N TYR C 19 -22.53 -9.29 15.49
CA TYR C 19 -21.23 -8.75 15.93
C TYR C 19 -21.18 -8.58 17.44
N HIS C 20 -20.15 -9.14 18.08
CA HIS C 20 -19.77 -8.91 19.49
C HIS C 20 -18.33 -8.39 19.55
N MET C 21 -18.14 -7.13 19.96
CA MET C 21 -16.78 -6.58 20.22
C MET C 21 -16.63 -6.27 21.72
N GLU C 22 -15.62 -6.89 22.33
CA GLU C 22 -15.14 -6.60 23.71
C GLU C 22 -13.82 -5.85 23.56
N GLY C 23 -13.65 -4.72 24.25
CA GLY C 23 -12.46 -3.89 24.05
C GLY C 23 -12.07 -3.04 25.23
N CYS C 24 -10.88 -2.45 25.11
CA CYS C 24 -10.24 -1.54 26.07
C CYS C 24 -9.31 -0.64 25.25
N VAL C 25 -9.45 0.67 25.38
CA VAL C 25 -8.70 1.67 24.56
C VAL C 25 -8.31 2.83 25.49
N ASN C 26 -7.01 3.08 25.66
CA ASN C 26 -6.46 3.99 26.69
C ASN C 26 -7.15 3.64 28.03
N GLY C 27 -7.20 2.33 28.34
CA GLY C 27 -7.67 1.76 29.61
C GLY C 27 -9.17 1.87 29.85
N HIS C 28 -9.92 2.42 28.90
CA HIS C 28 -11.40 2.59 28.99
C HIS C 28 -12.09 1.38 28.37
N LYS C 29 -12.75 0.55 29.18
CA LYS C 29 -13.33 -0.75 28.72
C LYS C 29 -14.71 -0.48 28.09
N PHE C 30 -15.10 -1.28 27.11
CA PHE C 30 -16.40 -1.07 26.42
C PHE C 30 -16.90 -2.38 25.79
N VAL C 31 -18.18 -2.41 25.43
CA VAL C 31 -18.82 -3.56 24.74
C VAL C 31 -19.76 -3.02 23.67
N ILE C 32 -19.62 -3.56 22.46
CA ILE C 32 -20.45 -3.26 21.26
C ILE C 32 -20.99 -4.56 20.67
N THR C 33 -22.27 -4.57 20.29
CA THR C 33 -22.88 -5.62 19.43
C THR C 33 -23.44 -4.95 18.19
N GLY C 34 -23.71 -5.75 17.17
CA GLY C 34 -24.20 -5.26 15.88
C GLY C 34 -24.99 -6.33 15.16
N GLU C 35 -25.77 -5.88 14.19
CA GLU C 35 -26.57 -6.66 13.23
C GLU C 35 -26.24 -6.06 11.86
N GLY C 36 -26.30 -6.87 10.81
CA GLY C 36 -26.03 -6.39 9.44
C GLY C 36 -26.65 -7.27 8.38
N ILE C 37 -26.70 -6.74 7.15
CA ILE C 37 -27.14 -7.45 5.92
C ILE C 37 -25.97 -7.36 4.95
N GLY C 38 -25.69 -8.43 4.18
CA GLY C 38 -24.50 -8.49 3.31
C GLY C 38 -24.72 -9.27 2.03
N TYR C 39 -23.91 -8.97 1.01
CA TYR C 39 -23.93 -9.63 -0.32
C TYR C 39 -22.52 -10.15 -0.57
N PRO C 40 -22.16 -11.32 -0.03
CA PRO C 40 -20.78 -11.81 -0.07
C PRO C 40 -20.12 -11.79 -1.46
N PHE C 41 -20.85 -12.18 -2.50
CA PHE C 41 -20.30 -12.26 -3.88
C PHE C 41 -20.19 -10.87 -4.49
N LYS C 42 -20.96 -9.88 -4.02
CA LYS C 42 -20.92 -8.50 -4.54
C LYS C 42 -19.94 -7.65 -3.74
N GLY C 43 -19.55 -8.15 -2.56
CA GLY C 43 -18.61 -7.50 -1.63
C GLY C 43 -19.20 -6.26 -1.01
N LYS C 44 -20.44 -6.35 -0.51
CA LYS C 44 -21.20 -5.19 0.03
C LYS C 44 -21.83 -5.54 1.37
N GLN C 45 -21.39 -4.92 2.45
CA GLN C 45 -22.03 -5.10 3.78
C GLN C 45 -22.49 -3.73 4.32
N THR C 46 -23.54 -3.80 5.12
CA THR C 46 -24.14 -2.66 5.86
C THR C 46 -24.45 -3.18 7.27
N ILE C 47 -23.80 -2.62 8.30
CA ILE C 47 -23.96 -3.09 9.70
C ILE C 47 -24.35 -1.90 10.57
N ASN C 48 -25.10 -2.18 11.63
CA ASN C 48 -25.52 -1.18 12.63
C ASN C 48 -24.98 -1.64 13.97
N LEU C 49 -24.34 -0.73 14.67
CA LEU C 49 -23.61 -1.05 15.91
C LEU C 49 -24.26 -0.28 17.05
N CYS C 50 -24.31 -0.89 18.22
CA CYS C 50 -24.77 -0.22 19.47
C CYS C 50 -23.75 -0.49 20.61
N VAL C 51 -23.26 0.59 21.23
CA VAL C 51 -22.44 0.54 22.48
C VAL C 51 -23.37 0.14 23.63
N ILE C 52 -23.13 -0.99 24.28
CA ILE C 52 -24.06 -1.50 25.33
C ILE C 52 -23.40 -1.38 26.71
N GLU C 53 -22.07 -1.28 26.79
CA GLU C 53 -21.30 -1.01 28.04
C GLU C 53 -20.16 -0.06 27.72
N GLY C 54 -19.97 0.98 28.53
CA GLY C 54 -18.82 1.90 28.44
C GLY C 54 -19.03 3.05 27.47
N GLY C 55 -20.28 3.49 27.28
CA GLY C 55 -20.63 4.63 26.42
C GLY C 55 -20.96 5.84 27.28
N PRO C 56 -20.74 7.08 26.80
CA PRO C 56 -20.27 7.33 25.44
C PRO C 56 -18.74 7.19 25.28
N LEU C 57 -18.30 6.47 24.25
CA LEU C 57 -16.87 6.18 24.00
C LEU C 57 -16.07 7.49 24.07
N PRO C 58 -14.94 7.55 24.82
CA PRO C 58 -14.11 8.75 24.91
C PRO C 58 -13.29 9.01 23.64
N PHE C 59 -13.32 8.09 22.69
CA PHE C 59 -12.53 8.12 21.43
C PHE C 59 -13.46 7.99 20.21
N SER C 60 -12.91 8.17 19.00
CA SER C 60 -13.63 8.08 17.71
C SER C 60 -13.99 6.63 17.35
N GLU C 61 -15.20 6.46 16.81
CA GLU C 61 -15.75 5.15 16.38
C GLU C 61 -14.91 4.62 15.21
N ASP C 62 -14.21 5.53 14.52
CA ASP C 62 -13.48 5.25 13.26
C ASP C 62 -12.39 4.21 13.51
N ILE C 63 -11.77 4.17 14.70
CA ILE C 63 -10.65 3.23 14.97
C ILE C 63 -11.17 1.79 15.06
N LEU C 64 -12.47 1.55 15.27
CA LEU C 64 -13.07 0.20 15.48
C LEU C 64 -13.58 -0.38 14.16
N SER C 65 -13.82 0.46 13.17
CA SER C 65 -14.52 0.12 11.91
C SER C 65 -13.89 -1.13 11.27
N ALA C 66 -12.57 -1.17 11.12
CA ALA C 66 -11.82 -2.31 10.54
C ALA C 66 -11.78 -3.49 11.52
N GLY C 67 -12.16 -3.29 12.78
CA GLY C 67 -12.28 -4.37 13.78
C GLY C 67 -13.46 -5.28 13.51
N NFA C 68 -14.55 -4.94 12.86
CA NFA C 68 -15.74 -5.71 13.18
C NFA C 68 -15.77 -7.04 12.45
O NFA C 68 -16.22 -7.12 11.32
CB NFA C 68 -16.98 -4.85 12.89
CG NFA C 68 -17.22 -4.02 14.12
CD1 NFA C 68 -16.85 -2.69 14.10
CD2 NFA C 68 -17.80 -4.57 15.27
CE1 NFA C 68 -17.05 -1.93 15.25
CE2 NFA C 68 -17.99 -3.82 16.42
CZ NFA C 68 -17.61 -2.47 16.41
NXT NFA C 68 -15.29 -8.11 13.07
NZ CH7 D 1 -15.87 -4.98 9.15
CA1 CH7 D 1 -15.08 -4.32 8.40
CB CH7 D 1 -15.57 -3.02 7.80
CG CH7 D 1 -16.99 -2.73 8.29
CD CH7 D 1 -17.91 -3.96 8.26
CE CH7 D 1 -17.31 -5.20 8.95
C1 CH7 D 1 -13.70 -4.75 8.04
N2 CH7 D 1 -12.89 -4.01 7.22
OH CH7 D 1 -10.37 0.83 3.64
CD2 CH7 D 1 -9.44 -2.53 4.90
CE2 CH7 D 1 -9.36 -1.30 4.24
CZ CH7 D 1 -10.42 -0.38 4.30
CE1 CH7 D 1 -11.54 -0.73 5.03
CD1 CH7 D 1 -11.62 -1.94 5.72
CG2 CH7 D 1 -10.57 -2.85 5.66
CB2 CH7 D 1 -10.59 -4.18 6.32
CA2 CH7 D 1 -11.74 -4.67 7.09
C2 CH7 D 1 -11.89 -5.87 7.90
O2 CH7 D 1 -11.00 -6.79 8.01
N3 CH7 D 1 -13.10 -5.89 8.44
CA3 CH7 D 1 -13.62 -6.93 9.33
C3 CH7 D 1 -13.77 -8.28 8.69
O3 CH7 D 1 -14.04 -9.19 9.54
N ASP D 2 -14.24 -8.22 7.47
CA ASP D 2 -14.66 -9.57 7.00
C ASP D 2 -14.46 -9.65 5.48
N ARG D 3 -13.52 -10.50 5.04
CA ARG D 3 -13.07 -10.61 3.63
C ARG D 3 -13.86 -11.71 2.92
N ILE D 4 -14.89 -12.26 3.59
CA ILE D 4 -16.00 -12.99 2.91
C ILE D 4 -16.74 -11.99 2.02
N PHE D 5 -16.98 -10.77 2.51
CA PHE D 5 -17.61 -9.66 1.75
C PHE D 5 -16.57 -8.95 0.88
N THR D 6 -16.01 -9.72 -0.05
CA THR D 6 -15.08 -9.29 -1.12
C THR D 6 -15.55 -9.91 -2.43
N GLU D 7 -15.82 -9.10 -3.44
CA GLU D 7 -16.13 -9.57 -4.80
C GLU D 7 -14.83 -10.10 -5.42
N TYR D 8 -14.74 -11.42 -5.62
CA TYR D 8 -13.57 -12.11 -6.22
C TYR D 8 -13.87 -12.42 -7.68
N PRO D 9 -12.92 -12.23 -8.61
CA PRO D 9 -13.08 -12.73 -9.97
C PRO D 9 -12.74 -14.21 -10.09
N GLN D 10 -13.22 -14.85 -11.16
CA GLN D 10 -12.95 -16.26 -11.56
C GLN D 10 -11.46 -16.61 -11.41
N ASP D 11 -10.56 -15.68 -11.70
CA ASP D 11 -9.13 -15.99 -11.96
C ASP D 11 -8.34 -16.04 -10.64
N ILE D 12 -8.94 -15.70 -9.49
CA ILE D 12 -8.25 -15.69 -8.17
C ILE D 12 -9.00 -16.56 -7.17
N VAL D 13 -8.29 -17.46 -6.47
CA VAL D 13 -8.86 -18.36 -5.42
C VAL D 13 -9.39 -17.50 -4.27
N ASP D 14 -10.65 -17.73 -3.87
CA ASP D 14 -11.29 -17.08 -2.70
C ASP D 14 -11.04 -17.99 -1.48
N TYR D 15 -9.94 -17.73 -0.79
CA TYR D 15 -9.53 -18.33 0.50
C TYR D 15 -10.64 -18.19 1.54
N PHE D 16 -11.31 -17.03 1.58
CA PHE D 16 -12.28 -16.63 2.65
C PHE D 16 -13.61 -17.36 2.51
N LYS D 17 -14.19 -17.33 1.32
CA LYS D 17 -15.43 -18.08 1.03
C LYS D 17 -15.11 -19.58 1.14
N ASN D 18 -13.92 -19.99 0.71
CA ASN D 18 -13.53 -21.42 0.76
C ASN D 18 -13.50 -21.91 2.22
N SER D 19 -13.12 -21.05 3.18
CA SER D 19 -12.98 -21.40 4.61
C SER D 19 -14.34 -21.74 5.24
N CYS D 20 -15.44 -21.28 4.63
CA CYS D 20 -16.82 -21.45 5.13
C CYS D 20 -17.36 -22.85 4.81
N PRO D 21 -18.33 -23.37 5.60
CA PRO D 21 -18.98 -22.61 6.68
C PRO D 21 -18.26 -22.58 8.04
N ALA D 22 -17.28 -23.47 8.27
CA ALA D 22 -16.45 -23.48 9.49
C ALA D 22 -15.98 -22.04 9.80
N GLY D 23 -15.24 -21.44 8.88
CA GLY D 23 -14.85 -20.02 8.91
C GLY D 23 -13.36 -19.83 9.14
N TYR D 24 -12.94 -18.62 9.49
CA TYR D 24 -11.50 -18.24 9.61
C TYR D 24 -11.34 -17.31 10.82
N THR D 25 -10.09 -17.09 11.25
CA THR D 25 -9.74 -16.13 12.32
C THR D 25 -8.73 -15.14 11.73
N TRP D 26 -8.60 -13.94 12.31
CA TRP D 26 -7.53 -13.00 11.89
C TRP D 26 -7.04 -12.16 13.07
N GLY D 27 -5.75 -11.79 13.03
CA GLY D 27 -5.13 -10.83 13.94
C GLY D 27 -4.61 -9.64 13.15
N ARG D 28 -4.79 -8.44 13.68
CA ARG D 28 -4.32 -7.21 12.99
C ARG D 28 -3.66 -6.29 14.00
N SER D 29 -2.52 -5.73 13.62
CA SER D 29 -1.83 -4.62 14.31
C SER D 29 -2.20 -3.33 13.59
N PHE D 30 -2.45 -2.28 14.36
CA PHE D 30 -2.71 -0.90 13.89
C PHE D 30 -1.61 0.00 14.45
N LEU D 31 -0.76 0.57 13.60
CA LEU D 31 0.30 1.53 13.99
C LEU D 31 -0.04 2.93 13.45
N PHE D 32 -0.57 3.80 14.30
CA PHE D 32 -0.87 5.22 14.00
C PHE D 32 0.41 6.07 14.11
N GLU D 33 0.53 7.07 13.23
CA GLU D 33 1.75 7.88 13.02
C GLU D 33 2.11 8.67 14.29
N ASP D 34 1.16 8.85 15.23
CA ASP D 34 1.40 9.55 16.52
C ASP D 34 1.72 8.54 17.63
N GLY D 35 2.13 7.31 17.27
CA GLY D 35 2.67 6.28 18.19
C GLY D 35 1.61 5.51 18.99
N ALA D 36 0.32 5.63 18.65
CA ALA D 36 -0.74 4.78 19.27
C ALA D 36 -0.68 3.38 18.64
N VAL D 37 -1.05 2.35 19.39
CA VAL D 37 -1.01 0.95 18.88
C VAL D 37 -2.24 0.16 19.34
N CYS D 38 -3.00 -0.34 18.37
CA CYS D 38 -4.20 -1.18 18.61
C CYS D 38 -3.92 -2.60 18.11
N ILE D 39 -4.54 -3.57 18.74
CA ILE D 39 -4.52 -5.00 18.33
C ILE D 39 -5.97 -5.49 18.27
N CYS D 40 -6.29 -6.28 17.25
CA CYS D 40 -7.64 -6.84 17.07
C CYS D 40 -7.52 -8.31 16.69
N ASN D 41 -8.19 -9.18 17.44
CA ASN D 41 -8.39 -10.62 17.09
C ASN D 41 -9.86 -10.82 16.78
N VAL D 42 -10.19 -11.61 15.76
CA VAL D 42 -11.60 -11.87 15.34
C VAL D 42 -11.78 -13.35 14.99
N ASP D 43 -12.92 -13.89 15.41
CA ASP D 43 -13.33 -15.28 15.10
C ASP D 43 -14.62 -15.17 14.28
N ILE D 44 -14.64 -15.73 13.06
CA ILE D 44 -15.83 -15.70 12.15
C ILE D 44 -16.32 -17.12 11.85
N THR D 45 -17.60 -17.38 12.09
CA THR D 45 -18.28 -18.70 11.91
C THR D 45 -19.54 -18.44 11.09
N VAL D 46 -19.92 -19.39 10.24
CA VAL D 46 -21.26 -19.37 9.57
C VAL D 46 -22.21 -20.33 10.31
N SER D 47 -23.38 -19.83 10.71
CA SER D 47 -24.58 -20.60 11.09
C SER D 47 -25.42 -20.80 9.82
N VAL D 48 -25.28 -21.97 9.17
CA VAL D 48 -26.00 -22.34 7.91
C VAL D 48 -27.49 -22.42 8.20
N LYS D 49 -27.85 -22.75 9.45
CA LYS D 49 -29.26 -22.83 9.92
C LYS D 49 -29.88 -21.43 9.87
N GLU D 50 -29.09 -20.39 10.14
CA GLU D 50 -29.62 -19.02 10.34
C GLU D 50 -29.31 -18.14 9.15
N ASN D 51 -28.44 -18.60 8.24
CA ASN D 51 -27.89 -17.81 7.10
C ASN D 51 -27.26 -16.54 7.69
N CYS D 52 -26.55 -16.67 8.81
CA CYS D 52 -26.00 -15.56 9.60
C CYS D 52 -24.52 -15.83 9.89
N ILE D 53 -23.68 -14.83 9.64
CA ILE D 53 -22.21 -14.86 9.88
C ILE D 53 -21.94 -14.18 11.22
N TYR D 54 -21.45 -14.98 12.16
CA TYR D 54 -21.13 -14.58 13.55
C TYR D 54 -19.73 -13.99 13.56
N HIS D 55 -19.56 -12.85 14.22
CA HIS D 55 -18.26 -12.16 14.40
C HIS D 55 -18.04 -11.94 15.89
N LYS D 56 -17.03 -12.61 16.47
CA LYS D 56 -16.55 -12.39 17.86
C LYS D 56 -15.23 -11.65 17.74
N SER D 57 -15.10 -10.50 18.39
CA SER D 57 -13.97 -9.55 18.17
C SER D 57 -13.38 -9.09 19.52
N ILE D 58 -12.07 -9.24 19.69
CA ILE D 58 -11.31 -8.62 20.81
C ILE D 58 -10.48 -7.47 20.25
N PHE D 59 -10.72 -6.24 20.72
CA PHE D 59 -10.03 -5.00 20.28
C PHE D 59 -9.41 -4.23 21.47
N ASN D 60 -8.11 -3.95 21.40
CA ASN D 60 -7.37 -3.25 22.49
C ASN D 60 -6.53 -2.12 21.91
N GLY D 61 -6.39 -1.01 22.66
CA GLY D 61 -5.61 0.16 22.23
C GLY D 61 -4.92 0.87 23.38
N VAL D 62 -3.72 1.39 23.13
CA VAL D 62 -2.95 2.20 24.12
C VAL D 62 -2.35 3.39 23.40
N ASN D 63 -1.97 4.42 24.19
CA ASN D 63 -1.03 5.51 23.85
C ASN D 63 -1.62 6.39 22.74
N PHE D 64 -2.95 6.54 22.68
CA PHE D 64 -3.62 7.62 21.92
C PHE D 64 -3.40 8.92 22.70
N PRO D 65 -2.63 9.87 22.14
CA PRO D 65 -2.40 11.14 22.81
C PRO D 65 -3.72 11.86 23.13
N ALA D 66 -3.84 12.34 24.37
CA ALA D 66 -5.00 13.08 24.89
C ALA D 66 -5.46 14.10 23.84
N ASP D 67 -4.58 14.98 23.38
CA ASP D 67 -5.01 16.09 22.50
C ASP D 67 -4.62 15.77 21.04
N GLY D 68 -4.86 14.52 20.62
CA GLY D 68 -4.72 14.04 19.24
C GLY D 68 -6.09 13.75 18.61
N PRO D 69 -6.14 13.45 17.29
CA PRO D 69 -7.41 13.40 16.56
C PRO D 69 -8.38 12.30 16.99
N VAL D 70 -7.89 11.19 17.53
CA VAL D 70 -8.73 10.05 18.00
C VAL D 70 -9.46 10.46 19.29
N MET D 71 -8.76 10.80 20.37
CA MET D 71 -9.41 11.18 21.66
C MET D 71 -10.12 12.52 21.51
N LYS D 72 -9.87 13.28 20.45
CA LYS D 72 -10.56 14.57 20.19
C LYS D 72 -11.68 14.39 19.15
N LYS D 73 -11.92 13.19 18.63
CA LYS D 73 -13.03 12.91 17.67
C LYS D 73 -12.95 13.89 16.48
N MET D 74 -11.81 13.92 15.79
CA MET D 74 -11.56 14.84 14.65
C MET D 74 -11.61 14.03 13.34
N THR D 75 -11.87 12.74 13.43
CA THR D 75 -11.92 11.84 12.26
C THR D 75 -13.32 11.92 11.66
N THR D 76 -13.43 11.75 10.35
CA THR D 76 -14.73 11.61 9.63
C THR D 76 -14.81 10.19 9.05
N ASN D 77 -13.82 9.77 8.28
CA ASN D 77 -13.80 8.43 7.63
C ASN D 77 -12.38 8.03 7.23
N TRP D 78 -12.16 6.72 7.12
CA TRP D 78 -11.00 6.18 6.38
C TRP D 78 -11.18 6.54 4.92
N GLU D 79 -10.08 6.90 4.27
CA GLU D 79 -10.00 7.07 2.80
C GLU D 79 -10.02 5.70 2.14
N ALA D 80 -10.63 5.59 0.97
CA ALA D 80 -10.58 4.37 0.13
C ALA D 80 -9.13 3.89 0.07
N SER D 81 -8.91 2.59 0.17
CA SER D 81 -7.55 1.99 0.25
C SER D 81 -7.37 0.92 -0.82
N CYS D 82 -6.16 0.38 -0.89
CA CYS D 82 -5.77 -0.77 -1.74
C CYS D 82 -4.80 -1.66 -0.98
N GLU D 83 -5.31 -2.71 -0.34
CA GLU D 83 -4.55 -3.71 0.44
C GLU D 83 -3.92 -4.74 -0.51
N LYS D 84 -2.72 -5.20 -0.19
CA LYS D 84 -1.99 -6.31 -0.85
C LYS D 84 -2.18 -7.58 0.00
N ILE D 85 -2.55 -8.69 -0.64
CA ILE D 85 -2.85 -10.00 0.01
C ILE D 85 -1.84 -11.01 -0.52
N MET D 86 -0.99 -11.55 0.35
CA MET D 86 0.11 -12.48 -0.05
C MET D 86 -0.07 -13.83 0.65
N PRO D 87 0.04 -14.96 -0.09
CA PRO D 87 0.03 -16.30 0.52
C PRO D 87 1.35 -16.59 1.24
N VAL D 88 1.28 -17.18 2.43
CA VAL D 88 2.44 -17.76 3.15
C VAL D 88 2.45 -19.26 2.86
N PRO D 89 3.26 -19.73 1.89
CA PRO D 89 3.06 -21.04 1.26
C PRO D 89 3.01 -22.23 2.23
N LYS D 90 3.93 -22.28 3.20
CA LYS D 90 4.08 -23.46 4.10
C LYS D 90 3.09 -23.37 5.27
N GLN D 91 2.71 -22.18 5.71
CA GLN D 91 1.79 -22.03 6.88
C GLN D 91 0.32 -22.15 6.45
N GLY D 92 0.02 -22.10 5.13
CA GLY D 92 -1.35 -22.20 4.61
C GLY D 92 -2.24 -21.09 5.14
N ILE D 93 -1.75 -19.86 5.10
CA ILE D 93 -2.39 -18.63 5.67
C ILE D 93 -2.07 -17.48 4.74
N LEU D 94 -2.78 -16.35 4.86
CA LEU D 94 -2.52 -15.12 4.07
C LEU D 94 -2.07 -13.99 5.00
N LYS D 95 -1.32 -13.04 4.44
CA LYS D 95 -0.93 -11.80 5.15
C LYS D 95 -1.47 -10.59 4.39
N GLY D 96 -1.87 -9.57 5.13
CA GLY D 96 -2.54 -8.38 4.60
C GLY D 96 -1.79 -7.15 5.04
N ASP D 97 -1.37 -6.33 4.09
CA ASP D 97 -0.63 -5.08 4.37
C ASP D 97 -1.35 -3.97 3.61
N VAL D 98 -1.80 -2.94 4.31
CA VAL D 98 -2.35 -1.72 3.69
C VAL D 98 -1.97 -0.55 4.57
N SER D 99 -1.51 0.54 3.96
CA SER D 99 -1.36 1.87 4.61
C SER D 99 -2.70 2.64 4.52
N MET D 100 -3.27 2.94 5.68
CA MET D 100 -4.64 3.50 5.80
C MET D 100 -4.55 4.96 6.21
N TYR D 101 -5.53 5.76 5.81
CA TYR D 101 -5.55 7.21 6.08
C TYR D 101 -6.93 7.57 6.61
N LEU D 102 -6.93 8.23 7.76
CA LEU D 102 -8.14 8.75 8.43
C LEU D 102 -8.28 10.22 8.06
N LEU D 103 -9.41 10.60 7.47
CA LEU D 103 -9.64 12.00 7.07
C LEU D 103 -10.01 12.78 8.32
N LEU D 104 -9.41 13.96 8.50
CA LEU D 104 -9.72 14.89 9.60
C LEU D 104 -10.69 15.93 9.07
N LYS D 105 -11.42 16.60 9.96
CA LYS D 105 -12.46 17.61 9.62
C LYS D 105 -11.80 18.85 9.01
N ASP D 106 -10.56 19.19 9.42
CA ASP D 106 -9.81 20.35 8.89
C ASP D 106 -9.42 20.11 7.43
N GLY D 107 -9.43 18.85 6.98
CA GLY D 107 -9.02 18.44 5.62
C GLY D 107 -7.76 17.61 5.64
N GLY D 108 -7.21 17.36 6.83
CA GLY D 108 -5.93 16.66 7.02
C GLY D 108 -6.10 15.16 6.94
N ARG D 109 -5.03 14.45 7.30
CA ARG D 109 -4.79 13.03 6.99
C ARG D 109 -3.98 12.42 8.13
N TYR D 110 -4.41 11.25 8.61
CA TYR D 110 -3.90 10.61 9.85
C TYR D 110 -3.61 9.15 9.51
N ARG D 111 -2.32 8.85 9.37
CA ARG D 111 -1.84 7.59 8.80
C ARG D 111 -1.83 6.52 9.89
N CYS D 112 -2.13 5.29 9.48
CA CYS D 112 -2.16 4.07 10.31
C CYS D 112 -1.77 2.91 9.40
N GLN D 113 -0.71 2.19 9.77
CA GLN D 113 -0.27 0.96 9.08
C GLN D 113 -1.08 -0.21 9.64
N PHE D 114 -1.67 -1.03 8.75
CA PHE D 114 -2.38 -2.30 9.07
C PHE D 114 -1.52 -3.46 8.60
N ASP D 115 -1.29 -4.47 9.44
CA ASP D 115 -0.67 -5.75 9.01
C ASP D 115 -1.51 -6.89 9.60
N THR D 116 -2.22 -7.61 8.74
CA THR D 116 -3.22 -8.63 9.16
C THR D 116 -2.67 -10.02 8.87
N VAL D 117 -3.18 -11.03 9.58
CA VAL D 117 -2.93 -12.47 9.29
C VAL D 117 -4.29 -13.14 9.29
N TYR D 118 -4.64 -13.75 8.17
CA TYR D 118 -5.92 -14.45 7.92
C TYR D 118 -5.65 -15.94 7.95
N LYS D 119 -6.39 -16.65 8.78
CA LYS D 119 -6.18 -18.08 9.08
C LYS D 119 -7.52 -18.80 8.96
N ALA D 120 -7.68 -19.64 7.94
CA ALA D 120 -8.78 -20.62 7.80
C ALA D 120 -8.71 -21.63 8.94
N LYS D 121 -9.84 -22.14 9.40
CA LYS D 121 -9.89 -23.05 10.57
C LYS D 121 -9.45 -24.46 10.14
N SER D 122 -9.54 -24.74 8.85
CA SER D 122 -9.09 -26.00 8.22
C SER D 122 -8.13 -25.69 7.07
N VAL D 123 -6.98 -26.39 7.04
CA VAL D 123 -6.02 -26.49 5.90
C VAL D 123 -6.74 -26.25 4.58
N PRO D 124 -6.53 -25.09 3.90
CA PRO D 124 -7.02 -24.90 2.55
C PRO D 124 -6.29 -25.88 1.63
N SER D 125 -7.04 -26.54 0.74
CA SER D 125 -6.48 -27.42 -0.30
C SER D 125 -5.82 -26.58 -1.40
N LYS D 126 -6.33 -25.35 -1.61
CA LYS D 126 -5.90 -24.42 -2.70
C LYS D 126 -5.66 -23.02 -2.12
N MET D 127 -4.48 -22.45 -2.40
CA MET D 127 -4.08 -21.10 -1.90
C MET D 127 -4.09 -20.12 -3.08
N PRO D 128 -4.51 -18.86 -2.88
CA PRO D 128 -4.38 -17.83 -3.91
C PRO D 128 -2.93 -17.44 -4.15
N GLU D 129 -2.65 -16.87 -5.32
CA GLU D 129 -1.42 -16.09 -5.58
C GLU D 129 -1.66 -14.69 -5.00
N TRP D 130 -0.61 -13.89 -4.76
CA TRP D 130 -0.81 -12.55 -4.18
C TRP D 130 -1.75 -11.75 -5.09
N HIS D 131 -2.52 -10.84 -4.52
CA HIS D 131 -3.44 -9.93 -5.26
C HIS D 131 -3.67 -8.67 -4.44
N PHE D 132 -4.52 -7.80 -4.99
CA PHE D 132 -5.00 -6.56 -4.33
C PHE D 132 -6.43 -6.77 -3.89
N ILE D 133 -6.86 -6.00 -2.89
CA ILE D 133 -8.30 -5.79 -2.57
C ILE D 133 -8.44 -4.30 -2.29
N GLN D 134 -9.28 -3.62 -3.07
CA GLN D 134 -9.58 -2.18 -2.86
C GLN D 134 -10.80 -2.12 -1.95
N HIS D 135 -10.82 -1.15 -1.06
CA HIS D 135 -11.85 -0.99 0.00
C HIS D 135 -12.36 0.44 0.00
N LYS D 136 -13.67 0.61 0.17
CA LYS D 136 -14.34 1.90 0.50
C LYS D 136 -15.23 1.60 1.69
N LEU D 137 -15.07 2.34 2.77
CA LEU D 137 -15.68 2.04 4.09
C LEU D 137 -16.15 3.37 4.65
N LEU D 138 -17.46 3.52 4.78
CA LEU D 138 -18.07 4.79 5.21
C LEU D 138 -18.87 4.56 6.48
N ARG D 139 -18.88 5.55 7.36
CA ARG D 139 -19.56 5.51 8.66
C ARG D 139 -20.59 6.64 8.70
N GLU D 140 -21.68 6.45 9.44
CA GLU D 140 -22.72 7.47 9.74
C GLU D 140 -23.13 7.31 11.20
N ASP D 141 -22.79 8.28 12.05
CA ASP D 141 -23.22 8.28 13.47
C ASP D 141 -24.74 8.43 13.49
N ARG D 142 -25.44 7.53 14.19
CA ARG D 142 -26.91 7.55 14.39
C ARG D 142 -27.19 7.68 15.90
N SER D 143 -26.26 8.27 16.66
CA SER D 143 -26.32 8.30 18.13
C SER D 143 -27.53 9.14 18.56
N ASP D 144 -28.31 8.63 19.51
CA ASP D 144 -29.41 9.37 20.18
C ASP D 144 -28.95 9.66 21.62
N ALA D 145 -29.82 10.29 22.43
CA ALA D 145 -29.57 10.66 23.83
C ALA D 145 -29.42 9.40 24.71
N LYS D 146 -30.16 8.33 24.38
CA LYS D 146 -30.25 7.08 25.19
C LYS D 146 -29.15 6.07 24.80
N ASN D 147 -28.57 6.15 23.59
CA ASN D 147 -27.61 5.12 23.08
C ASN D 147 -26.62 5.71 22.08
N GLN D 148 -25.40 5.18 22.07
CA GLN D 148 -24.38 5.45 21.02
C GLN D 148 -24.46 4.33 19.96
N LYS D 149 -24.92 4.69 18.77
CA LYS D 149 -25.15 3.77 17.62
C LYS D 149 -24.49 4.38 16.38
N TRP D 150 -24.18 3.57 15.37
CA TRP D 150 -23.72 4.09 14.05
C TRP D 150 -23.79 2.99 13.00
N GLN D 151 -23.80 3.40 11.73
CA GLN D 151 -23.85 2.51 10.55
C GLN D 151 -22.51 2.57 9.80
N LEU D 152 -22.06 1.42 9.30
CA LEU D 152 -20.92 1.27 8.36
C LEU D 152 -21.41 0.70 7.03
N THR D 153 -20.95 1.23 5.91
CA THR D 153 -21.06 0.51 4.63
C THR D 153 -19.65 0.20 4.12
N GLU D 154 -19.43 -1.01 3.64
CA GLU D 154 -18.13 -1.38 3.06
C GLU D 154 -18.36 -2.09 1.74
N HIS D 155 -17.61 -1.66 0.73
CA HIS D 155 -17.57 -2.24 -0.63
C HIS D 155 -16.12 -2.67 -0.88
N ALA D 156 -15.88 -3.94 -1.15
CA ALA D 156 -14.55 -4.53 -1.40
C ALA D 156 -14.60 -5.29 -2.73
N ILE D 157 -13.56 -5.16 -3.56
CA ILE D 157 -13.33 -5.97 -4.79
C ILE D 157 -11.85 -6.38 -4.87
N ALA D 158 -11.59 -7.63 -5.22
CA ALA D 158 -10.25 -8.21 -5.34
C ALA D 158 -9.83 -8.14 -6.80
N PHE D 159 -8.61 -7.65 -7.04
CA PHE D 159 -7.99 -7.46 -8.38
C PHE D 159 -6.64 -8.16 -8.43
N PRO D 160 -6.22 -8.57 -9.64
CA PRO D 160 -4.85 -9.01 -9.87
C PRO D 160 -4.01 -7.77 -10.24
N SER D 161 -2.74 -7.94 -10.58
CA SER D 161 -1.91 -6.82 -11.10
C SER D 161 -2.50 -6.31 -12.43
N ALA D 162 -2.63 -4.98 -12.57
CA ALA D 162 -3.36 -4.28 -13.65
C ALA D 162 -2.59 -4.33 -14.99
N LEU D 163 -1.38 -4.87 -15.03
CA LEU D 163 -0.54 -4.81 -16.26
C LEU D 163 0.33 -6.06 -16.38
#